data_9JTM
#
_entry.id   9JTM
#
_cell.length_a   1.00
_cell.length_b   1.00
_cell.length_c   1.00
_cell.angle_alpha   90.00
_cell.angle_beta   90.00
_cell.angle_gamma   90.00
#
_symmetry.space_group_name_H-M   'P 1'
#
loop_
_entity.id
_entity.type
_entity.pdbx_description
1 polymer 'Glucose-6-phosphatase catalytic subunit 1,GSlinker-HRV3C-GFP-twin strep'
2 non-polymer 6-O-phosphono-alpha-D-glucopyranose
3 non-polymer O-[(R)-{[(2R)-2,3-bis(octadecanoyloxy)propyl]oxy}(hydroxy)phosphoryl]-L-serine
4 water water
#
_entity_poly.entity_id   1
_entity_poly.type   'polypeptide(L)'
_entity_poly.pdbx_seq_one_letter_code
;MEEGMNVLHDFGIQSTHYLQVNYQDSQDWFILVSVIADLRNAFYVLFPIWFHLQEAVGIKLLWVAVIGDWLNLVFKWILF
GQRPYWWVLDTDYYSNTSVPLIKQFPVTCETGPGSPSGHAMGTAGVYYVMVTSTLSIFQGKIKPTYRFRCLNVILWLGFW
AVQLNVCLSRIYLAANFPHQVVAGVLSGIAVAETFSHIHSIYNASLKKYFLITFFLFSFAIGFYLLLKGLGVDLLWTLEK
AQRWCEQPEWVHIDTTPFASLLKNLGTLFGLGLALNSSMYRESCKGKLSKWLPFRLSSIVASLVLLHVFDSLKPPSQVEL
VFYVLSFCKSAVVPLASVSVIPYCLAQVLGQPHKKSLAAALEVLFQGPSKGEELFTGVVPILVELDGDVNGHKFSVRGEG
EGDATNGKLTLKFICTTGKLPVPWPTLVTTLTYGVQCFSRYPDHMKRHDFFKSAMPEGYVQERTISFKDDGTYKTRAEVK
FEGDTLVNRIELKGIDFKEDGNILGHKLEYNFNSHNVYITADKQKNGIKANFKIRHNVEDGSVQLADHYQQNTPIGDGPV
LLPDNHYLSTQSVLSKDPNEKRDHMVLLEFVTAAGITHGMDEWSHPQFEKGGGSGGGSGGSAWSHPQFEK
;
_entity_poly.pdbx_strand_id   A
#
# COMPACT_ATOMS: atom_id res chain seq x y z
N MET A 1 21.21 -20.92 14.06
CA MET A 1 20.42 -19.85 13.46
C MET A 1 19.53 -19.20 14.52
N GLU A 2 19.05 -20.02 15.45
CA GLU A 2 18.15 -19.52 16.49
C GLU A 2 18.84 -18.48 17.36
N GLU A 3 20.11 -18.69 17.67
CA GLU A 3 20.87 -17.74 18.48
C GLU A 3 21.27 -16.49 17.71
N GLY A 4 20.90 -16.39 16.43
CA GLY A 4 21.22 -15.21 15.64
C GLY A 4 20.03 -14.28 15.47
N MET A 5 18.85 -14.85 15.24
CA MET A 5 17.64 -14.03 15.14
C MET A 5 17.21 -13.49 16.49
N ASN A 6 17.58 -14.17 17.58
CA ASN A 6 17.23 -13.69 18.90
C ASN A 6 17.89 -12.37 19.23
N VAL A 7 19.12 -12.15 18.75
CA VAL A 7 19.80 -10.88 18.97
C VAL A 7 19.03 -9.75 18.29
N LEU A 8 18.62 -9.97 17.04
CA LEU A 8 17.85 -8.96 16.32
C LEU A 8 16.51 -8.70 17.00
N HIS A 9 15.83 -9.76 17.44
CA HIS A 9 14.55 -9.59 18.11
C HIS A 9 14.70 -8.80 19.41
N ASP A 10 15.75 -9.12 20.19
CA ASP A 10 15.98 -8.41 21.44
C ASP A 10 16.32 -6.95 21.20
N PHE A 11 17.13 -6.67 20.17
CA PHE A 11 17.43 -5.28 19.82
C PHE A 11 16.16 -4.53 19.46
N GLY A 12 15.29 -5.16 18.67
CA GLY A 12 14.03 -4.51 18.32
C GLY A 12 13.15 -4.26 19.53
N ILE A 13 13.08 -5.23 20.45
CA ILE A 13 12.26 -5.07 21.65
C ILE A 13 12.79 -3.92 22.51
N GLN A 14 14.11 -3.87 22.68
CA GLN A 14 14.69 -2.79 23.49
C GLN A 14 14.47 -1.43 22.83
N SER A 15 14.60 -1.35 21.51
CA SER A 15 14.35 -0.09 20.82
C SER A 15 12.90 0.35 20.98
N THR A 16 11.96 -0.58 20.84
CA THR A 16 10.55 -0.25 21.02
C THR A 16 10.27 0.22 22.43
N HIS A 17 10.85 -0.45 23.43
CA HIS A 17 10.65 -0.03 24.81
C HIS A 17 11.22 1.36 25.06
N TYR A 18 12.41 1.64 24.53
CA TYR A 18 13.01 2.96 24.72
C TYR A 18 12.17 4.04 24.05
N LEU A 19 11.67 3.78 22.84
CA LEU A 19 10.84 4.77 22.17
C LEU A 19 9.53 5.00 22.91
N GLN A 20 8.94 3.93 23.45
CA GLN A 20 7.65 4.05 24.12
C GLN A 20 7.75 4.69 25.50
N VAL A 21 8.88 4.51 26.18
CA VAL A 21 9.02 5.02 27.54
C VAL A 21 9.49 6.48 27.56
N ASN A 22 10.50 6.79 26.76
CA ASN A 22 11.12 8.12 26.80
C ASN A 22 10.50 9.11 25.82
N TYR A 23 9.49 8.70 25.06
CA TYR A 23 8.76 9.61 24.17
C TYR A 23 7.28 9.22 24.25
N GLN A 24 6.55 9.85 25.17
CA GLN A 24 5.16 9.52 25.41
C GLN A 24 4.20 10.55 24.83
N ASP A 25 4.66 11.76 24.55
CA ASP A 25 3.83 12.82 24.02
C ASP A 25 3.72 12.78 22.50
N SER A 26 4.40 11.85 21.83
CA SER A 26 4.34 11.71 20.38
C SER A 26 3.46 10.54 19.94
N GLN A 27 2.60 10.05 20.84
CA GLN A 27 1.75 8.92 20.50
C GLN A 27 0.79 9.26 19.37
N ASP A 28 0.08 10.38 19.50
CA ASP A 28 -0.91 10.75 18.50
C ASP A 28 -0.25 11.04 17.15
N TRP A 29 0.94 11.66 17.17
CA TRP A 29 1.64 11.95 15.93
C TRP A 29 2.01 10.66 15.20
N PHE A 30 2.52 9.67 15.94
CA PHE A 30 2.91 8.41 15.31
C PHE A 30 1.69 7.64 14.81
N ILE A 31 0.59 7.68 15.56
CA ILE A 31 -0.64 7.04 15.08
C ILE A 31 -1.11 7.70 13.79
N LEU A 32 -1.08 9.04 13.74
CA LEU A 32 -1.49 9.75 12.54
C LEU A 32 -0.58 9.42 11.36
N VAL A 33 0.72 9.35 11.61
CA VAL A 33 1.65 8.99 10.54
C VAL A 33 1.35 7.60 10.00
N SER A 34 1.09 6.64 10.90
CA SER A 34 0.76 5.30 10.46
C SER A 34 -0.60 5.21 9.79
N VAL A 35 -1.49 6.17 10.04
CA VAL A 35 -2.82 6.12 9.43
C VAL A 35 -2.77 6.62 7.99
N ILE A 36 -2.15 7.76 7.76
CA ILE A 36 -2.17 8.41 6.44
C ILE A 36 -1.09 7.84 5.54
N ALA A 37 -0.43 6.77 5.99
CA ALA A 37 0.57 6.08 5.19
C ALA A 37 0.03 4.83 4.54
N ASP A 38 -1.28 4.60 4.61
CA ASP A 38 -1.94 3.43 3.98
C ASP A 38 -1.93 3.64 2.47
N LEU A 39 -1.99 2.53 1.72
CA LEU A 39 -1.99 2.59 0.24
C LEU A 39 -3.37 3.03 -0.24
N ARG A 40 -4.40 2.92 0.61
CA ARG A 40 -5.70 3.41 0.20
C ARG A 40 -5.61 4.84 -0.31
N ASN A 41 -4.77 5.66 0.34
CA ASN A 41 -4.61 7.05 -0.06
C ASN A 41 -3.86 7.19 -1.38
N ALA A 42 -3.16 6.15 -1.82
CA ALA A 42 -2.50 6.15 -3.11
C ALA A 42 -3.45 5.82 -4.25
N PHE A 43 -4.64 5.30 -3.95
CA PHE A 43 -5.65 5.02 -4.96
C PHE A 43 -6.83 5.97 -4.91
N TYR A 44 -7.06 6.64 -3.79
CA TYR A 44 -8.20 7.54 -3.63
C TYR A 44 -7.83 9.01 -3.64
N VAL A 45 -6.55 9.36 -3.45
CA VAL A 45 -6.16 10.75 -3.37
C VAL A 45 -5.07 11.05 -4.39
N LEU A 46 -3.97 10.30 -4.34
CA LEU A 46 -2.82 10.62 -5.18
C LEU A 46 -3.10 10.34 -6.66
N PHE A 47 -3.72 9.20 -6.96
CA PHE A 47 -3.96 8.84 -8.36
C PHE A 47 -4.91 9.81 -9.07
N PRO A 48 -6.08 10.16 -8.52
CA PRO A 48 -6.92 11.15 -9.22
C PRO A 48 -6.25 12.51 -9.38
N ILE A 49 -5.42 12.92 -8.43
CA ILE A 49 -4.72 14.19 -8.55
C ILE A 49 -3.65 14.11 -9.64
N TRP A 50 -2.90 13.02 -9.67
CA TRP A 50 -1.77 12.88 -10.59
C TRP A 50 -2.15 12.35 -11.96
N PHE A 51 -3.35 11.80 -12.13
CA PHE A 51 -3.75 11.32 -13.44
C PHE A 51 -4.13 12.46 -14.37
N HIS A 52 -4.79 13.50 -13.85
CA HIS A 52 -5.23 14.59 -14.71
C HIS A 52 -4.14 15.62 -14.97
N LEU A 53 -2.98 15.47 -14.36
CA LEU A 53 -1.80 16.28 -14.65
C LEU A 53 -0.67 15.34 -15.04
N GLN A 54 -0.30 15.33 -16.32
CA GLN A 54 0.73 14.44 -16.85
C GLN A 54 0.35 12.98 -16.60
N GLU A 55 -0.71 12.56 -17.31
CA GLU A 55 -1.33 11.25 -17.07
C GLU A 55 -0.36 10.08 -17.18
N ALA A 56 0.83 10.29 -17.75
CA ALA A 56 1.81 9.21 -17.77
C ALA A 56 2.31 8.88 -16.37
N VAL A 57 2.23 9.82 -15.44
CA VAL A 57 2.68 9.57 -14.07
C VAL A 57 1.68 8.69 -13.32
N GLY A 58 0.39 8.90 -13.54
CA GLY A 58 -0.62 8.16 -12.79
C GLY A 58 -0.60 6.67 -13.09
N ILE A 59 -0.44 6.30 -14.36
CA ILE A 59 -0.39 4.89 -14.74
C ILE A 59 0.83 4.22 -14.10
N LYS A 60 1.98 4.90 -14.14
CA LYS A 60 3.18 4.36 -13.52
C LYS A 60 2.99 4.22 -12.01
N LEU A 61 2.37 5.21 -11.38
CA LEU A 61 2.13 5.16 -9.94
C LEU A 61 1.27 3.96 -9.57
N LEU A 62 0.16 3.76 -10.29
CA LEU A 62 -0.72 2.65 -9.98
C LEU A 62 -0.04 1.31 -10.22
N TRP A 63 0.69 1.19 -11.33
CA TRP A 63 1.40 -0.07 -11.60
C TRP A 63 2.43 -0.37 -10.52
N VAL A 64 3.21 0.64 -10.11
CA VAL A 64 4.22 0.44 -9.09
C VAL A 64 3.57 0.03 -7.77
N ALA A 65 2.48 0.69 -7.39
CA ALA A 65 1.81 0.35 -6.14
C ALA A 65 1.30 -1.09 -6.17
N VAL A 66 0.65 -1.50 -7.25
CA VAL A 66 0.07 -2.84 -7.31
C VAL A 66 1.16 -3.91 -7.28
N ILE A 67 2.20 -3.72 -8.09
CA ILE A 67 3.25 -4.73 -8.13
C ILE A 67 4.05 -4.76 -6.85
N GLY A 68 4.24 -3.61 -6.20
CA GLY A 68 4.88 -3.60 -4.89
C GLY A 68 4.08 -4.37 -3.86
N ASP A 69 2.75 -4.21 -3.82
CA ASP A 69 1.90 -4.96 -2.85
C ASP A 69 1.77 -6.44 -3.22
N TRP A 70 1.98 -6.85 -4.48
CA TRP A 70 2.05 -8.28 -4.81
C TRP A 70 3.38 -8.87 -4.39
N LEU A 71 4.48 -8.18 -4.70
CA LEU A 71 5.80 -8.67 -4.31
C LEU A 71 5.93 -8.72 -2.79
N ASN A 72 5.32 -7.77 -2.08
CA ASN A 72 5.45 -7.75 -0.60
C ASN A 72 4.69 -8.94 -0.05
N LEU A 73 3.53 -9.25 -0.60
CA LEU A 73 2.80 -10.43 -0.14
C LEU A 73 3.61 -11.71 -0.39
N VAL A 74 4.12 -11.87 -1.60
CA VAL A 74 4.81 -13.11 -1.96
C VAL A 74 6.07 -13.30 -1.12
N PHE A 75 6.85 -12.23 -0.92
CA PHE A 75 8.03 -12.35 -0.07
C PHE A 75 7.70 -12.41 1.41
N LYS A 76 6.51 -11.94 1.82
CA LYS A 76 6.10 -12.10 3.20
C LYS A 76 5.76 -13.56 3.50
N TRP A 77 5.19 -14.27 2.53
CA TRP A 77 4.84 -15.67 2.76
C TRP A 77 6.07 -16.54 3.01
N ILE A 78 7.15 -16.33 2.24
CA ILE A 78 8.28 -17.25 2.30
C ILE A 78 9.27 -16.88 3.39
N LEU A 79 9.55 -15.59 3.58
CA LEU A 79 10.55 -15.19 4.57
C LEU A 79 10.11 -15.42 6.01
N PHE A 80 8.83 -15.73 6.24
CA PHE A 80 8.25 -15.88 7.58
C PHE A 80 8.46 -14.54 8.30
N GLY A 81 8.84 -14.55 9.58
CA GLY A 81 9.08 -13.32 10.29
C GLY A 81 8.04 -12.99 11.33
N GLN A 82 8.47 -12.58 12.52
CA GLN A 82 7.58 -12.30 13.63
C GLN A 82 7.34 -10.80 13.73
N ARG A 83 6.46 -10.43 14.68
CA ARG A 83 6.12 -9.00 14.92
C ARG A 83 6.24 -8.74 16.41
N PRO A 84 6.82 -7.62 16.86
CA PRO A 84 7.09 -7.39 18.29
C PRO A 84 5.86 -7.07 19.11
N TYR A 85 4.77 -7.82 18.91
CA TYR A 85 3.64 -7.74 19.83
C TYR A 85 3.08 -9.10 20.23
N TRP A 86 3.35 -10.18 19.51
CA TRP A 86 3.12 -11.52 20.03
C TRP A 86 4.41 -12.24 20.43
N TRP A 87 5.54 -11.88 19.84
CA TRP A 87 6.80 -12.55 20.16
C TRP A 87 7.21 -12.30 21.60
N VAL A 88 6.89 -11.12 22.15
CA VAL A 88 7.28 -10.81 23.52
C VAL A 88 6.62 -11.76 24.50
N LEU A 89 5.33 -12.03 24.29
CA LEU A 89 4.56 -12.88 25.19
C LEU A 89 4.63 -14.36 24.83
N ASP A 90 5.14 -14.71 23.66
CA ASP A 90 5.20 -16.10 23.22
C ASP A 90 6.57 -16.72 23.37
N THR A 91 7.63 -15.93 23.33
CA THR A 91 8.98 -16.48 23.40
C THR A 91 9.28 -17.06 24.77
N ASP A 92 10.28 -17.92 24.82
CA ASP A 92 10.81 -18.47 26.06
C ASP A 92 12.26 -18.04 26.24
N TYR A 93 12.57 -16.82 25.78
CA TYR A 93 13.91 -16.28 25.83
C TYR A 93 14.17 -15.41 27.05
N TYR A 94 13.12 -14.82 27.62
CA TYR A 94 13.26 -13.89 28.74
C TYR A 94 13.23 -14.57 30.09
N SER A 95 13.60 -15.84 30.16
CA SER A 95 13.75 -16.50 31.46
C SER A 95 14.99 -15.96 32.17
N ASN A 96 15.01 -16.15 33.49
CA ASN A 96 16.04 -15.67 34.41
C ASN A 96 16.12 -14.15 34.47
N THR A 97 15.21 -13.43 33.81
CA THR A 97 15.22 -11.98 33.79
C THR A 97 13.78 -11.50 33.64
N SER A 98 13.55 -10.24 33.98
CA SER A 98 12.22 -9.66 33.87
C SER A 98 11.90 -9.37 32.40
N VAL A 99 10.72 -9.77 31.97
CA VAL A 99 10.29 -9.51 30.59
C VAL A 99 9.99 -8.01 30.44
N PRO A 100 10.45 -7.36 29.38
CA PRO A 100 10.16 -5.93 29.22
C PRO A 100 8.67 -5.67 29.06
N LEU A 101 8.22 -4.54 29.59
CA LEU A 101 6.82 -4.15 29.52
C LEU A 101 6.59 -3.34 28.25
N ILE A 102 5.87 -3.92 27.30
CA ILE A 102 5.54 -3.26 26.04
C ILE A 102 4.05 -2.94 26.05
N LYS A 103 3.69 -1.85 25.37
CA LYS A 103 2.32 -1.38 25.32
C LYS A 103 1.77 -1.55 23.91
N GLN A 104 0.49 -1.91 23.83
CA GLN A 104 -0.18 -2.10 22.55
C GLN A 104 -1.16 -0.97 22.29
N PHE A 105 -1.44 -0.75 21.01
CA PHE A 105 -2.27 0.33 20.53
C PHE A 105 -3.36 -0.24 19.64
N PRO A 106 -4.45 0.52 19.42
CA PRO A 106 -5.53 0.00 18.57
C PRO A 106 -5.10 -0.35 17.15
N VAL A 107 -3.88 -0.02 16.74
CA VAL A 107 -3.36 -0.38 15.43
C VAL A 107 -2.30 -1.46 15.50
N THR A 108 -1.92 -1.90 16.70
CA THR A 108 -0.91 -2.95 16.87
C THR A 108 -1.59 -4.30 17.12
N CYS A 109 -2.38 -4.75 16.14
CA CYS A 109 -2.85 -6.12 16.11
C CYS A 109 -2.88 -6.63 14.67
N GLU A 110 -1.82 -6.34 13.92
CA GLU A 110 -1.71 -6.74 12.49
C GLU A 110 -1.61 -8.25 12.31
N THR A 111 -2.33 -8.78 11.32
CA THR A 111 -2.35 -10.21 11.01
C THR A 111 -1.57 -10.42 9.72
N GLY A 112 -0.43 -11.10 9.83
CA GLY A 112 0.39 -11.39 8.68
C GLY A 112 1.87 -11.40 9.01
N PRO A 113 2.65 -12.17 8.28
CA PRO A 113 4.10 -12.14 8.46
C PRO A 113 4.64 -10.75 8.14
N GLY A 114 5.72 -10.38 8.81
CA GLY A 114 6.22 -9.03 8.67
C GLY A 114 7.69 -8.88 8.37
N SER A 115 8.27 -9.77 7.56
CA SER A 115 9.72 -9.69 7.34
C SER A 115 10.10 -8.50 6.46
N PRO A 116 9.48 -8.26 5.29
CA PRO A 116 9.59 -6.93 4.68
C PRO A 116 8.43 -6.05 5.10
N SER A 117 8.72 -4.85 5.60
CA SER A 117 7.65 -3.95 6.01
C SER A 117 6.83 -3.51 4.80
N GLY A 118 5.53 -3.31 4.95
CA GLY A 118 4.68 -2.98 3.81
C GLY A 118 4.30 -1.53 3.76
N HIS A 119 4.19 -0.87 4.89
CA HIS A 119 3.97 0.57 4.87
C HIS A 119 5.18 1.29 4.27
N ALA A 120 6.38 0.95 4.77
CA ALA A 120 7.60 1.59 4.27
C ALA A 120 7.82 1.28 2.80
N MET A 121 7.60 0.02 2.40
CA MET A 121 7.81 -0.36 1.00
C MET A 121 6.88 0.42 0.08
N GLY A 122 5.59 0.46 0.40
CA GLY A 122 4.65 1.18 -0.44
C GLY A 122 4.93 2.68 -0.48
N THR A 123 5.20 3.28 0.68
CA THR A 123 5.47 4.70 0.72
C THR A 123 6.71 5.05 -0.09
N ALA A 124 7.78 4.28 0.06
CA ALA A 124 8.99 4.53 -0.72
C ALA A 124 8.70 4.39 -2.21
N GLY A 125 8.05 3.30 -2.61
CA GLY A 125 7.81 3.06 -4.02
C GLY A 125 6.96 4.14 -4.67
N VAL A 126 6.00 4.69 -3.93
CA VAL A 126 5.12 5.72 -4.50
C VAL A 126 5.81 7.07 -4.52
N TYR A 127 6.43 7.46 -3.39
CA TYR A 127 6.97 8.81 -3.29
C TYR A 127 8.24 8.98 -4.12
N TYR A 128 9.03 7.91 -4.31
CA TYR A 128 10.14 8.00 -5.24
C TYR A 128 9.68 8.32 -6.64
N VAL A 129 8.62 7.63 -7.10
CA VAL A 129 8.06 7.89 -8.41
C VAL A 129 7.57 9.34 -8.51
N MET A 130 6.84 9.79 -7.49
CA MET A 130 6.31 11.15 -7.52
C MET A 130 7.42 12.19 -7.60
N VAL A 131 8.46 12.04 -6.76
CA VAL A 131 9.53 13.02 -6.70
C VAL A 131 10.31 13.02 -8.01
N THR A 132 10.65 11.84 -8.54
CA THR A 132 11.39 11.78 -9.79
C THR A 132 10.59 12.38 -10.94
N SER A 133 9.29 12.09 -11.01
CA SER A 133 8.47 12.63 -12.08
C SER A 133 8.36 14.15 -11.98
N THR A 134 8.22 14.69 -10.76
CA THR A 134 8.16 16.15 -10.61
C THR A 134 9.47 16.79 -11.03
N LEU A 135 10.60 16.19 -10.63
CA LEU A 135 11.90 16.73 -11.03
C LEU A 135 12.07 16.70 -12.54
N SER A 136 11.61 15.63 -13.19
CA SER A 136 11.70 15.55 -14.64
C SER A 136 10.80 16.58 -15.31
N ILE A 137 9.61 16.81 -14.75
CA ILE A 137 8.67 17.75 -15.36
C ILE A 137 9.19 19.18 -15.26
N PHE A 138 9.67 19.57 -14.08
CA PHE A 138 10.08 20.96 -13.85
C PHE A 138 11.57 21.18 -14.11
N GLN A 139 12.16 20.41 -15.01
CA GLN A 139 13.58 20.53 -15.34
C GLN A 139 13.75 21.63 -16.37
N GLY A 140 13.95 22.86 -15.89
CA GLY A 140 14.15 23.99 -16.77
C GLY A 140 12.98 24.27 -17.68
N LYS A 141 11.78 24.29 -17.11
CA LYS A 141 10.56 24.56 -17.88
C LYS A 141 10.59 25.96 -18.48
N ARG A 147 19.41 27.16 -10.10
CA ARG A 147 18.50 27.17 -8.96
C ARG A 147 17.79 25.83 -8.84
N PHE A 148 18.09 24.91 -9.77
CA PHE A 148 17.52 23.57 -9.73
C PHE A 148 18.05 22.78 -8.54
N ARG A 149 19.26 23.07 -8.10
CA ARG A 149 19.87 22.31 -7.00
C ARG A 149 19.08 22.47 -5.71
N CYS A 150 18.59 23.68 -5.44
CA CYS A 150 17.79 23.90 -4.24
C CYS A 150 16.51 23.06 -4.27
N LEU A 151 15.84 23.01 -5.42
CA LEU A 151 14.65 22.17 -5.54
C LEU A 151 14.98 20.70 -5.35
N ASN A 152 16.08 20.24 -5.95
CA ASN A 152 16.52 18.86 -5.75
C ASN A 152 16.71 18.56 -4.26
N VAL A 153 17.45 19.44 -3.58
CA VAL A 153 17.76 19.21 -2.17
C VAL A 153 16.48 19.20 -1.34
N ILE A 154 15.57 20.14 -1.60
CA ILE A 154 14.34 20.22 -0.82
C ILE A 154 13.49 18.97 -1.01
N LEU A 155 13.33 18.54 -2.27
CA LEU A 155 12.48 17.37 -2.52
C LEU A 155 13.09 16.11 -1.92
N TRP A 156 14.41 15.94 -2.03
CA TRP A 156 15.02 14.74 -1.46
C TRP A 156 14.99 14.77 0.07
N LEU A 157 15.15 15.95 0.66
CA LEU A 157 15.01 16.06 2.11
C LEU A 157 13.62 15.70 2.56
N GLY A 158 12.59 16.16 1.84
CA GLY A 158 11.23 15.79 2.18
C GLY A 158 10.99 14.30 2.06
N PHE A 159 11.50 13.69 0.99
CA PHE A 159 11.34 12.25 0.81
C PHE A 159 11.98 11.47 1.94
N TRP A 160 13.21 11.83 2.32
CA TRP A 160 13.88 11.09 3.38
C TRP A 160 13.25 11.35 4.73
N ALA A 161 12.73 12.57 4.97
CA ALA A 161 12.00 12.83 6.21
C ALA A 161 10.74 11.98 6.29
N VAL A 162 10.03 11.83 5.17
CA VAL A 162 8.84 10.97 5.14
C VAL A 162 9.22 9.54 5.48
N GLN A 163 10.29 9.03 4.86
CA GLN A 163 10.70 7.66 5.11
C GLN A 163 11.11 7.46 6.57
N LEU A 164 11.87 8.40 7.13
CA LEU A 164 12.29 8.29 8.52
C LEU A 164 11.11 8.31 9.47
N ASN A 165 10.14 9.21 9.23
CA ASN A 165 8.97 9.27 10.09
C ASN A 165 8.17 7.98 10.02
N VAL A 166 8.03 7.40 8.82
CA VAL A 166 7.30 6.14 8.70
C VAL A 166 8.02 5.02 9.45
N CYS A 167 9.34 4.98 9.35
CA CYS A 167 10.10 3.95 10.07
C CYS A 167 9.93 4.08 11.58
N LEU A 168 10.05 5.30 12.10
CA LEU A 168 9.86 5.52 13.54
C LEU A 168 8.44 5.19 13.96
N SER A 169 7.45 5.46 13.09
CA SER A 169 6.07 5.12 13.42
C SER A 169 5.89 3.60 13.51
N ARG A 170 6.42 2.87 12.53
CA ARG A 170 6.27 1.41 12.56
C ARG A 170 7.06 0.76 13.68
N ILE A 171 8.10 1.42 14.18
CA ILE A 171 8.83 0.87 15.32
C ILE A 171 8.17 1.22 16.64
N TYR A 172 7.65 2.44 16.77
CA TYR A 172 7.08 2.90 18.03
C TYR A 172 5.82 2.11 18.39
N LEU A 173 4.92 1.92 17.44
CA LEU A 173 3.68 1.18 17.67
C LEU A 173 3.88 -0.32 17.62
N ALA A 174 5.12 -0.80 17.73
CA ALA A 174 5.45 -2.21 17.55
C ALA A 174 5.02 -2.69 16.17
N ALA A 175 4.79 -4.00 16.03
CA ALA A 175 4.33 -4.64 14.81
C ALA A 175 5.43 -4.73 13.74
N ASN A 176 6.60 -4.15 13.99
CA ASN A 176 7.72 -4.28 13.07
C ASN A 176 9.03 -4.04 13.82
N PHE A 177 10.13 -4.61 13.25
CA PHE A 177 11.53 -4.55 13.65
C PHE A 177 12.31 -3.63 12.71
N PRO A 178 13.39 -2.99 13.20
CA PRO A 178 14.13 -2.05 12.34
C PRO A 178 14.66 -2.64 11.05
N HIS A 179 15.19 -3.87 11.08
CA HIS A 179 15.70 -4.45 9.84
C HIS A 179 14.58 -4.68 8.84
N GLN A 180 13.38 -4.98 9.34
CA GLN A 180 12.24 -5.17 8.46
C GLN A 180 11.90 -3.88 7.70
N VAL A 181 11.89 -2.75 8.41
CA VAL A 181 11.54 -1.49 7.75
C VAL A 181 12.65 -1.05 6.80
N VAL A 182 13.91 -1.29 7.17
CA VAL A 182 15.01 -0.95 6.27
C VAL A 182 14.91 -1.77 4.98
N ALA A 183 14.66 -3.08 5.11
CA ALA A 183 14.49 -3.92 3.94
C ALA A 183 13.31 -3.46 3.09
N GLY A 184 12.22 -3.07 3.73
CA GLY A 184 11.07 -2.58 2.98
C GLY A 184 11.39 -1.33 2.19
N VAL A 185 12.11 -0.39 2.80
CA VAL A 185 12.48 0.84 2.10
C VAL A 185 13.34 0.52 0.88
N LEU A 186 14.36 -0.33 1.07
CA LEU A 186 15.24 -0.67 -0.04
C LEU A 186 14.48 -1.37 -1.17
N SER A 187 13.60 -2.32 -0.82
CA SER A 187 12.83 -3.03 -1.83
C SER A 187 11.91 -2.09 -2.59
N GLY A 188 11.26 -1.16 -1.88
CA GLY A 188 10.40 -0.20 -2.56
C GLY A 188 11.16 0.67 -3.53
N ILE A 189 12.33 1.15 -3.13
CA ILE A 189 13.14 1.97 -4.03
C ILE A 189 13.56 1.16 -5.26
N ALA A 190 13.95 -0.09 -5.05
CA ALA A 190 14.36 -0.93 -6.18
C ALA A 190 13.21 -1.15 -7.16
N VAL A 191 12.01 -1.43 -6.64
CA VAL A 191 10.86 -1.64 -7.52
C VAL A 191 10.52 -0.36 -8.28
N ALA A 192 10.59 0.78 -7.59
CA ALA A 192 10.32 2.06 -8.26
C ALA A 192 11.29 2.30 -9.40
N GLU A 193 12.58 2.02 -9.19
CA GLU A 193 13.55 2.19 -10.27
C GLU A 193 13.30 1.22 -11.42
N THR A 194 12.98 -0.04 -11.09
CA THR A 194 12.75 -1.05 -12.12
C THR A 194 11.59 -0.64 -13.03
N PHE A 195 10.49 -0.17 -12.46
CA PHE A 195 9.42 0.36 -13.30
C PHE A 195 9.75 1.73 -13.89
N SER A 196 10.73 2.44 -13.35
CA SER A 196 11.20 3.66 -14.01
C SER A 196 11.95 3.34 -15.29
N HIS A 197 12.47 2.13 -15.42
CA HIS A 197 13.14 1.71 -16.66
C HIS A 197 12.30 0.72 -17.46
N ILE A 198 10.98 0.88 -17.45
CA ILE A 198 10.05 0.03 -18.21
C ILE A 198 9.08 0.93 -18.96
N HIS A 199 8.90 0.65 -20.26
CA HIS A 199 8.05 1.46 -21.11
C HIS A 199 6.92 0.69 -21.76
N SER A 200 6.67 -0.56 -21.34
CA SER A 200 5.61 -1.37 -21.93
C SER A 200 4.29 -1.26 -21.19
N ILE A 201 4.25 -0.55 -20.06
CA ILE A 201 3.02 -0.46 -19.27
C ILE A 201 2.00 0.49 -19.87
N TYR A 202 2.40 1.33 -20.82
CA TYR A 202 1.47 2.21 -21.52
C TYR A 202 0.88 1.47 -22.72
N ASN A 203 -0.23 2.02 -23.23
CA ASN A 203 -0.98 1.58 -24.39
C ASN A 203 -1.02 0.05 -24.55
N ALA A 204 -1.21 -0.65 -23.44
CA ALA A 204 -1.30 -2.11 -23.46
C ALA A 204 -2.71 -2.55 -23.78
N SER A 205 -2.82 -3.67 -24.50
CA SER A 205 -4.12 -4.17 -24.95
C SER A 205 -4.95 -4.64 -23.76
N LEU A 206 -6.22 -4.94 -24.04
CA LEU A 206 -7.11 -5.42 -23.00
C LEU A 206 -6.80 -6.87 -22.63
N LYS A 207 -6.26 -7.65 -23.57
CA LYS A 207 -5.85 -9.01 -23.24
C LYS A 207 -4.63 -9.04 -22.34
N LYS A 208 -3.76 -8.03 -22.45
CA LYS A 208 -2.55 -8.02 -21.62
C LYS A 208 -2.88 -7.86 -20.14
N TYR A 209 -3.80 -6.94 -19.82
CA TYR A 209 -4.17 -6.72 -18.42
C TYR A 209 -4.79 -7.96 -17.81
N PHE A 210 -5.72 -8.59 -18.54
CA PHE A 210 -6.38 -9.79 -18.04
C PHE A 210 -5.39 -10.93 -17.86
N LEU A 211 -4.49 -11.13 -18.83
CA LEU A 211 -3.50 -12.19 -18.71
C LEU A 211 -2.57 -11.95 -17.53
N ILE A 212 -2.17 -10.69 -17.32
CA ILE A 212 -1.26 -10.38 -16.22
C ILE A 212 -1.93 -10.65 -14.88
N THR A 213 -3.16 -10.14 -14.69
CA THR A 213 -3.82 -10.35 -13.41
C THR A 213 -4.15 -11.82 -13.18
N PHE A 214 -4.52 -12.54 -14.25
CA PHE A 214 -4.77 -13.97 -14.13
C PHE A 214 -3.51 -14.72 -13.73
N PHE A 215 -2.37 -14.37 -14.32
CA PHE A 215 -1.12 -15.01 -13.97
C PHE A 215 -0.77 -14.76 -12.51
N LEU A 216 -0.93 -13.52 -12.05
CA LEU A 216 -0.60 -13.21 -10.66
C LEU A 216 -1.51 -13.97 -9.69
N PHE A 217 -2.82 -13.98 -9.95
CA PHE A 217 -3.75 -14.67 -9.07
C PHE A 217 -3.48 -16.16 -9.06
N SER A 218 -3.26 -16.75 -10.24
CA SER A 218 -3.01 -18.19 -10.31
C SER A 218 -1.71 -18.55 -9.61
N PHE A 219 -0.66 -17.73 -9.79
CA PHE A 219 0.60 -18.00 -9.11
C PHE A 219 0.41 -17.99 -7.59
N ALA A 220 -0.24 -16.94 -7.07
CA ALA A 220 -0.42 -16.85 -5.62
C ALA A 220 -1.23 -18.04 -5.09
N ILE A 221 -2.39 -18.31 -5.69
CA ILE A 221 -3.27 -19.36 -5.18
C ILE A 221 -2.61 -20.73 -5.31
N GLY A 222 -2.00 -21.01 -6.46
CA GLY A 222 -1.35 -22.30 -6.65
C GLY A 222 -0.17 -22.50 -5.74
N PHE A 223 0.63 -21.46 -5.50
CA PHE A 223 1.75 -21.56 -4.59
C PHE A 223 1.27 -21.84 -3.17
N TYR A 224 0.23 -21.13 -2.73
CA TYR A 224 -0.33 -21.38 -1.41
C TYR A 224 -0.85 -22.81 -1.29
N LEU A 225 -1.58 -23.28 -2.30
CA LEU A 225 -2.13 -24.63 -2.26
C LEU A 225 -1.02 -25.68 -2.28
N LEU A 226 0.02 -25.45 -3.08
CA LEU A 226 1.13 -26.41 -3.14
C LEU A 226 1.84 -26.53 -1.81
N LEU A 227 2.09 -25.40 -1.13
CA LEU A 227 2.72 -25.51 0.18
C LEU A 227 1.78 -26.09 1.22
N LYS A 228 0.49 -25.75 1.16
CA LYS A 228 -0.45 -26.30 2.13
C LYS A 228 -0.56 -27.82 2.01
N GLY A 229 -0.62 -28.32 0.78
CA GLY A 229 -0.62 -29.77 0.59
C GLY A 229 0.69 -30.42 0.99
N LEU A 230 1.80 -29.69 0.86
CA LEU A 230 3.10 -30.26 1.19
C LEU A 230 3.24 -30.52 2.69
N GLY A 231 2.62 -29.68 3.52
CA GLY A 231 2.66 -29.89 4.95
C GLY A 231 2.81 -28.64 5.78
N VAL A 232 3.36 -27.58 5.19
CA VAL A 232 3.54 -26.33 5.91
C VAL A 232 2.24 -25.54 5.90
N ASP A 233 2.16 -24.54 6.78
CA ASP A 233 0.98 -23.69 6.93
C ASP A 233 1.41 -22.25 6.72
N LEU A 234 1.12 -21.71 5.54
CA LEU A 234 1.47 -20.33 5.25
C LEU A 234 0.66 -19.33 6.06
N LEU A 235 -0.58 -19.67 6.42
CA LEU A 235 -1.44 -18.80 7.21
C LEU A 235 -1.32 -19.23 8.66
N TRP A 236 -0.17 -18.90 9.26
CA TRP A 236 0.08 -19.20 10.66
C TRP A 236 0.01 -17.98 11.56
N THR A 237 0.11 -16.77 11.00
CA THR A 237 0.03 -15.55 11.79
C THR A 237 -1.40 -15.21 12.17
N LEU A 238 -2.40 -15.74 11.46
CA LEU A 238 -3.78 -15.51 11.83
C LEU A 238 -4.14 -16.18 13.16
N GLU A 239 -3.38 -17.19 13.57
CA GLU A 239 -3.64 -17.87 14.83
C GLU A 239 -2.86 -17.25 15.99
N LYS A 240 -1.66 -16.72 15.71
CA LYS A 240 -0.88 -16.06 16.75
C LYS A 240 -1.32 -14.62 17.00
N ALA A 241 -2.09 -14.03 16.09
CA ALA A 241 -2.67 -12.71 16.32
C ALA A 241 -4.03 -12.77 17.01
N GLN A 242 -4.64 -13.96 17.08
CA GLN A 242 -5.93 -14.14 17.73
C GLN A 242 -5.81 -14.54 19.20
N ARG A 243 -4.59 -14.72 19.70
CA ARG A 243 -4.35 -15.04 21.10
C ARG A 243 -3.68 -13.92 21.87
N TRP A 244 -2.70 -13.25 21.27
CA TRP A 244 -1.88 -12.27 21.96
C TRP A 244 -2.35 -10.84 21.76
N CYS A 245 -3.26 -10.58 20.82
CA CYS A 245 -3.89 -9.28 20.72
C CYS A 245 -4.71 -9.02 21.99
N GLU A 246 -4.58 -7.81 22.53
CA GLU A 246 -5.25 -7.48 23.78
C GLU A 246 -6.76 -7.57 23.63
N GLN A 247 -7.34 -6.71 22.80
CA GLN A 247 -8.78 -6.68 22.58
C GLN A 247 -9.13 -7.49 21.35
N PRO A 248 -10.07 -8.45 21.44
CA PRO A 248 -10.42 -9.25 20.27
C PRO A 248 -11.08 -8.45 19.15
N GLU A 249 -11.46 -7.19 19.40
CA GLU A 249 -12.07 -6.35 18.39
C GLU A 249 -11.06 -5.54 17.59
N TRP A 250 -9.77 -5.69 17.87
CA TRP A 250 -8.73 -4.92 17.20
C TRP A 250 -8.24 -5.56 15.92
N VAL A 251 -8.67 -6.79 15.61
CA VAL A 251 -8.31 -7.45 14.37
C VAL A 251 -9.45 -7.28 13.38
N HIS A 252 -9.09 -7.05 12.11
CA HIS A 252 -10.07 -6.86 11.05
C HIS A 252 -9.77 -7.81 9.91
N ILE A 253 -10.80 -8.15 9.15
CA ILE A 253 -10.64 -9.05 8.01
C ILE A 253 -10.02 -8.35 6.81
N ASP A 254 -10.16 -7.03 6.71
CA ASP A 254 -9.64 -6.31 5.56
C ASP A 254 -8.12 -6.26 5.54
N THR A 255 -7.48 -6.75 6.60
CA THR A 255 -6.00 -6.80 6.65
C THR A 255 -5.56 -8.25 6.54
N THR A 256 -6.42 -9.12 5.99
CA THR A 256 -6.05 -10.54 5.78
C THR A 256 -5.33 -10.67 4.46
N PRO A 257 -4.15 -11.33 4.40
CA PRO A 257 -3.37 -11.43 3.16
C PRO A 257 -4.22 -11.62 1.91
N PHE A 258 -5.29 -12.40 2.02
CA PHE A 258 -6.15 -12.64 0.87
C PHE A 258 -6.87 -11.36 0.42
N ALA A 259 -7.29 -10.53 1.37
CA ALA A 259 -8.06 -9.33 1.03
C ALA A 259 -7.22 -8.35 0.20
N SER A 260 -5.96 -8.15 0.59
CA SER A 260 -5.10 -7.20 -0.12
C SER A 260 -4.86 -7.63 -1.56
N LEU A 261 -4.65 -8.94 -1.77
CA LEU A 261 -4.40 -9.44 -3.11
C LEU A 261 -5.59 -9.17 -4.02
N LEU A 262 -6.80 -9.46 -3.54
CA LEU A 262 -7.99 -9.20 -4.33
C LEU A 262 -8.17 -7.71 -4.57
N LYS A 263 -7.92 -6.88 -3.56
CA LYS A 263 -8.06 -5.43 -3.71
C LYS A 263 -7.03 -4.84 -4.66
N ASN A 264 -5.90 -5.52 -4.88
CA ASN A 264 -4.93 -5.04 -5.86
C ASN A 264 -5.25 -5.52 -7.26
N LEU A 265 -5.63 -6.79 -7.40
CA LEU A 265 -6.03 -7.30 -8.71
C LEU A 265 -7.24 -6.55 -9.25
N GLY A 266 -8.20 -6.24 -8.37
CA GLY A 266 -9.37 -5.50 -8.80
C GLY A 266 -9.03 -4.13 -9.35
N THR A 267 -8.16 -3.39 -8.67
CA THR A 267 -7.84 -2.05 -9.13
C THR A 267 -7.00 -2.09 -10.40
N LEU A 268 -6.13 -3.09 -10.55
CA LEU A 268 -5.38 -3.22 -11.80
C LEU A 268 -6.32 -3.50 -12.97
N PHE A 269 -7.25 -4.43 -12.79
CA PHE A 269 -8.20 -4.73 -13.86
C PHE A 269 -9.10 -3.53 -14.15
N GLY A 270 -9.49 -2.79 -13.11
CA GLY A 270 -10.30 -1.61 -13.32
C GLY A 270 -9.57 -0.54 -14.12
N LEU A 271 -8.29 -0.33 -13.82
CA LEU A 271 -7.50 0.61 -14.61
C LEU A 271 -7.42 0.16 -16.06
N GLY A 272 -7.21 -1.15 -16.29
CA GLY A 272 -7.17 -1.65 -17.65
C GLY A 272 -8.47 -1.40 -18.40
N LEU A 273 -9.60 -1.70 -17.75
CA LEU A 273 -10.90 -1.49 -18.37
C LEU A 273 -11.15 -0.02 -18.66
N ALA A 274 -10.81 0.85 -17.72
CA ALA A 274 -11.00 2.28 -17.92
C ALA A 274 -10.15 2.80 -19.07
N LEU A 275 -8.89 2.37 -19.15
CA LEU A 275 -8.01 2.82 -20.23
C LEU A 275 -8.51 2.33 -21.58
N ASN A 276 -8.95 1.08 -21.66
CA ASN A 276 -9.39 0.49 -22.92
C ASN A 276 -10.90 0.54 -23.12
N SER A 277 -11.57 1.52 -22.49
CA SER A 277 -13.00 1.69 -22.65
C SER A 277 -13.28 2.53 -23.89
N SER A 278 -14.55 2.93 -24.07
CA SER A 278 -14.94 3.75 -25.20
C SER A 278 -15.21 5.20 -24.83
N MET A 279 -15.60 5.46 -23.58
CA MET A 279 -15.84 6.84 -23.15
C MET A 279 -14.52 7.62 -23.03
N TYR A 280 -13.45 6.94 -22.60
CA TYR A 280 -12.16 7.60 -22.45
C TYR A 280 -11.62 8.08 -23.79
N ARG A 281 -11.80 7.28 -24.85
CA ARG A 281 -11.24 7.61 -26.16
C ARG A 281 -11.93 8.80 -26.82
N GLU A 282 -13.07 9.26 -26.29
CA GLU A 282 -13.79 10.38 -26.87
C GLU A 282 -14.30 11.34 -25.80
N SER A 283 -13.54 11.47 -24.70
CA SER A 283 -13.94 12.38 -23.63
C SER A 283 -14.01 13.81 -24.12
N CYS A 284 -13.04 14.25 -24.91
CA CYS A 284 -13.07 15.58 -25.47
C CYS A 284 -14.12 15.65 -26.59
N LYS A 285 -14.92 16.71 -26.57
CA LYS A 285 -15.95 16.93 -27.58
C LYS A 285 -15.88 18.35 -28.14
N GLY A 286 -14.69 18.94 -28.14
CA GLY A 286 -14.52 20.31 -28.59
C GLY A 286 -14.26 21.27 -27.45
N LYS A 287 -13.07 21.86 -27.42
CA LYS A 287 -12.61 22.84 -26.44
C LYS A 287 -12.36 22.22 -25.06
N LEU A 288 -12.65 20.93 -24.88
CA LEU A 288 -12.51 20.30 -23.58
C LEU A 288 -11.24 19.48 -23.48
N SER A 289 -10.90 19.09 -22.25
CA SER A 289 -9.68 18.36 -21.91
C SER A 289 -8.42 19.15 -22.26
N LYS A 290 -8.54 20.47 -22.39
CA LYS A 290 -7.41 21.33 -22.67
C LYS A 290 -7.35 22.56 -21.77
N TRP A 291 -8.33 22.78 -20.91
CA TRP A 291 -8.41 23.97 -20.08
C TRP A 291 -8.23 23.61 -18.62
N LEU A 292 -7.57 24.50 -17.88
CA LEU A 292 -7.37 24.29 -16.45
C LEU A 292 -8.68 24.13 -15.67
N PRO A 293 -9.72 24.94 -15.89
CA PRO A 293 -10.96 24.72 -15.12
C PRO A 293 -11.54 23.32 -15.28
N PHE A 294 -11.49 22.76 -16.49
CA PHE A 294 -12.06 21.44 -16.71
C PHE A 294 -11.33 20.39 -15.88
N ARG A 295 -10.00 20.39 -15.93
CA ARG A 295 -9.24 19.37 -15.21
C ARG A 295 -9.31 19.57 -13.70
N LEU A 296 -9.31 20.83 -13.25
CA LEU A 296 -9.43 21.09 -11.81
C LEU A 296 -10.79 20.64 -11.29
N SER A 297 -11.87 20.93 -12.04
CA SER A 297 -13.19 20.48 -11.63
C SER A 297 -13.29 18.96 -11.66
N SER A 298 -12.64 18.32 -12.65
CA SER A 298 -12.62 16.87 -12.68
C SER A 298 -11.92 16.31 -11.45
N ILE A 299 -10.80 16.89 -11.05
CA ILE A 299 -10.07 16.44 -9.86
C ILE A 299 -10.95 16.60 -8.63
N VAL A 300 -11.60 17.76 -8.49
CA VAL A 300 -12.42 18.03 -7.31
C VAL A 300 -13.58 17.04 -7.23
N ALA A 301 -14.28 16.85 -8.35
CA ALA A 301 -15.40 15.92 -8.37
C ALA A 301 -14.95 14.50 -8.07
N SER A 302 -13.84 14.07 -8.65
CA SER A 302 -13.34 12.72 -8.39
C SER A 302 -13.02 12.54 -6.92
N LEU A 303 -12.32 13.50 -6.32
CA LEU A 303 -11.97 13.39 -4.90
C LEU A 303 -13.21 13.31 -4.04
N VAL A 304 -14.17 14.21 -4.26
CA VAL A 304 -15.36 14.25 -3.41
C VAL A 304 -16.18 12.98 -3.54
N LEU A 305 -16.43 12.54 -4.78
CA LEU A 305 -17.27 11.36 -4.97
C LEU A 305 -16.58 10.09 -4.50
N LEU A 306 -15.26 9.97 -4.69
CA LEU A 306 -14.57 8.80 -4.17
C LEU A 306 -14.57 8.78 -2.64
N HIS A 307 -14.40 9.94 -2.00
CA HIS A 307 -14.46 9.99 -0.55
C HIS A 307 -15.83 9.59 -0.05
N VAL A 308 -16.90 10.05 -0.71
CA VAL A 308 -18.24 9.67 -0.31
C VAL A 308 -18.46 8.17 -0.53
N PHE A 309 -18.02 7.65 -1.67
CA PHE A 309 -18.26 6.25 -2.02
C PHE A 309 -17.46 5.29 -1.13
N ASP A 310 -16.35 5.75 -0.56
CA ASP A 310 -15.54 4.88 0.28
C ASP A 310 -16.32 4.39 1.51
N SER A 311 -17.38 5.10 1.91
CA SER A 311 -18.14 4.72 3.10
C SER A 311 -18.85 3.38 2.95
N LEU A 312 -19.11 2.94 1.73
CA LEU A 312 -19.82 1.68 1.50
C LEU A 312 -18.92 0.53 1.91
N LYS A 313 -19.19 -0.05 3.09
CA LYS A 313 -18.40 -1.17 3.60
C LYS A 313 -19.10 -2.47 3.25
N PRO A 314 -18.46 -3.36 2.48
CA PRO A 314 -19.12 -4.62 2.13
C PRO A 314 -19.39 -5.46 3.37
N PRO A 315 -20.51 -6.19 3.40
CA PRO A 315 -20.82 -7.02 4.57
C PRO A 315 -19.82 -8.16 4.72
N SER A 316 -19.41 -8.40 5.97
CA SER A 316 -18.43 -9.44 6.29
C SER A 316 -19.12 -10.50 7.14
N GLN A 317 -19.77 -11.45 6.48
CA GLN A 317 -20.32 -12.63 7.13
C GLN A 317 -19.82 -13.92 6.49
N VAL A 318 -19.69 -13.94 5.17
CA VAL A 318 -19.08 -15.04 4.44
C VAL A 318 -17.85 -14.50 3.71
N GLU A 319 -16.73 -15.21 3.84
CA GLU A 319 -15.46 -14.66 3.36
C GLU A 319 -15.45 -14.49 1.85
N LEU A 320 -16.07 -15.42 1.12
CA LEU A 320 -16.07 -15.31 -0.34
C LEU A 320 -16.85 -14.09 -0.81
N VAL A 321 -17.97 -13.78 -0.16
CA VAL A 321 -18.74 -12.60 -0.50
C VAL A 321 -17.91 -11.34 -0.26
N PHE A 322 -17.21 -11.28 0.88
CA PHE A 322 -16.35 -10.14 1.15
C PHE A 322 -15.26 -10.01 0.11
N TYR A 323 -14.65 -11.13 -0.28
CA TYR A 323 -13.56 -11.08 -1.27
C TYR A 323 -14.06 -10.56 -2.61
N VAL A 324 -15.20 -11.07 -3.08
CA VAL A 324 -15.68 -10.65 -4.40
C VAL A 324 -16.16 -9.20 -4.35
N LEU A 325 -16.80 -8.79 -3.26
CA LEU A 325 -17.24 -7.40 -3.15
C LEU A 325 -16.05 -6.46 -3.06
N SER A 326 -14.99 -6.87 -2.37
CA SER A 326 -13.77 -6.06 -2.32
C SER A 326 -13.14 -5.94 -3.70
N PHE A 327 -13.12 -7.05 -4.46
CA PHE A 327 -12.62 -6.99 -5.83
C PHE A 327 -13.38 -5.97 -6.66
N CYS A 328 -14.72 -6.05 -6.62
CA CYS A 328 -15.52 -5.12 -7.41
C CYS A 328 -15.34 -3.68 -6.96
N LYS A 329 -15.35 -3.45 -5.64
CA LYS A 329 -15.23 -2.10 -5.12
C LYS A 329 -13.88 -1.48 -5.45
N SER A 330 -12.82 -2.28 -5.39
CA SER A 330 -11.51 -1.78 -5.82
C SER A 330 -11.49 -1.49 -7.31
N ALA A 331 -12.14 -2.34 -8.12
CA ALA A 331 -12.17 -2.09 -9.55
C ALA A 331 -12.94 -0.82 -9.90
N VAL A 332 -13.90 -0.42 -9.05
CA VAL A 332 -14.73 0.74 -9.37
C VAL A 332 -13.90 2.01 -9.46
N VAL A 333 -13.02 2.26 -8.49
CA VAL A 333 -12.43 3.58 -8.35
C VAL A 333 -11.61 4.03 -9.56
N PRO A 334 -10.73 3.19 -10.15
CA PRO A 334 -10.01 3.69 -11.34
C PRO A 334 -10.93 3.82 -12.55
N LEU A 335 -11.96 2.99 -12.63
CA LEU A 335 -12.90 3.09 -13.74
C LEU A 335 -13.79 4.32 -13.61
N ALA A 336 -14.21 4.64 -12.39
CA ALA A 336 -15.07 5.79 -12.17
C ALA A 336 -14.31 7.11 -12.09
N SER A 337 -13.00 7.06 -11.89
CA SER A 337 -12.19 8.28 -11.83
C SER A 337 -11.56 8.66 -13.16
N VAL A 338 -11.64 7.81 -14.18
CA VAL A 338 -10.95 8.06 -15.43
C VAL A 338 -11.95 8.16 -16.58
N SER A 339 -13.07 7.45 -16.47
CA SER A 339 -13.96 7.28 -17.61
C SER A 339 -15.34 7.92 -17.44
N VAL A 340 -15.88 7.97 -16.22
CA VAL A 340 -17.27 8.37 -16.01
C VAL A 340 -17.38 9.84 -15.64
N ILE A 341 -16.59 10.29 -14.66
CA ILE A 341 -16.65 11.69 -14.23
C ILE A 341 -16.28 12.64 -15.36
N PRO A 342 -15.16 12.46 -16.07
CA PRO A 342 -14.89 13.37 -17.20
C PRO A 342 -15.97 13.33 -18.27
N TYR A 343 -16.56 12.17 -18.53
CA TYR A 343 -17.62 12.08 -19.53
C TYR A 343 -18.83 12.89 -19.10
N CYS A 344 -19.23 12.77 -17.83
CA CYS A 344 -20.38 13.53 -17.34
C CYS A 344 -20.09 15.03 -17.38
N LEU A 345 -18.90 15.45 -16.94
CA LEU A 345 -18.56 16.86 -16.99
C LEU A 345 -18.57 17.39 -18.42
N ALA A 346 -18.04 16.61 -19.36
CA ALA A 346 -18.04 17.02 -20.76
C ALA A 346 -19.44 17.17 -21.29
N GLN A 347 -20.29 16.14 -21.08
CA GLN A 347 -21.65 16.19 -21.60
C GLN A 347 -22.50 17.25 -20.92
N VAL A 348 -22.11 17.72 -19.73
CA VAL A 348 -22.86 18.79 -19.10
C VAL A 348 -22.34 20.15 -19.59
N LEU A 349 -21.10 20.46 -19.26
CA LEU A 349 -20.52 21.76 -19.64
C LEU A 349 -19.71 21.66 -20.93
N GLY A 350 -20.29 21.06 -21.96
CA GLY A 350 -19.63 21.02 -23.26
C GLY A 350 -20.34 21.84 -24.32
N GLN A 351 -21.61 22.15 -24.07
CA GLN A 351 -22.42 22.93 -25.01
C GLN A 351 -23.60 23.55 -24.31
#